data_1ZH7
#
_entry.id   1ZH7
#
_cell.length_a   113.765
_cell.length_b   35.126
_cell.length_c   134.205
_cell.angle_alpha   90.00
_cell.angle_beta   92.61
_cell.angle_gamma   90.00
#
_symmetry.space_group_name_H-M   'C 1 2 1'
#
loop_
_entity.id
_entity.type
_entity.pdbx_description
1 polymer 'Orphan nuclear receptor NR5A2'
2 polymer 'nuclear receptor subfamily 0, group B, member 2'
3 water water
#
loop_
_entity_poly.entity_id
_entity_poly.type
_entity_poly.pdbx_seq_one_letter_code
_entity_poly.pdbx_strand_id
1 'polypeptide(L)'
;ASIPHLILELLKCEPDEPQVQAKIMAYLQQEQSNRNRQEKLSAFGLLCKMADQTLFSIVEWARSSIFFRELKVDDQMKLL
QNCWSELLILDHIYRQVAHGKEGTIFLVTGEHVDYSTIISHTEVAFNNLLSLAQELVVRLRSLQFDQREFVCLKFLVLFS
SDVKNLENLQLVEGVQEQVNAALLDYTVCNYPQQTEKFGQLLLRLPEIRAISKQAEDYLYYKHVNGDVPYNNLLIEMLHA
KRA
;
A,B
2 'polypeptide(L)' SHPTILYTLLS C,D
#
# COMPACT_ATOMS: atom_id res chain seq x y z
N ALA A 1 43.07 20.02 -0.03
CA ALA A 1 42.57 19.98 -1.44
C ALA A 1 41.20 20.66 -1.54
N SER A 2 40.90 21.53 -0.57
CA SER A 2 39.63 22.24 -0.52
C SER A 2 38.52 21.28 -0.08
N ILE A 3 38.86 20.35 0.82
CA ILE A 3 37.93 19.35 1.33
C ILE A 3 37.89 19.39 2.85
N PRO A 4 36.78 19.89 3.44
CA PRO A 4 36.56 20.01 4.88
C PRO A 4 36.80 18.74 5.71
N HIS A 5 37.53 18.90 6.81
CA HIS A 5 37.86 17.78 7.69
C HIS A 5 36.78 16.74 7.89
N LEU A 6 35.58 17.19 8.24
CA LEU A 6 34.47 16.28 8.50
C LEU A 6 34.26 15.29 7.38
N ILE A 7 34.26 15.79 6.16
CA ILE A 7 34.02 14.93 5.02
C ILE A 7 35.12 13.88 4.82
N LEU A 8 36.37 14.26 5.08
CA LEU A 8 37.46 13.31 4.94
C LEU A 8 37.27 12.17 5.96
N GLU A 9 36.75 12.53 7.14
CA GLU A 9 36.48 11.56 8.18
C GLU A 9 35.35 10.65 7.76
N LEU A 10 34.36 11.22 7.09
CA LEU A 10 33.22 10.45 6.62
C LEU A 10 33.60 9.51 5.48
N LEU A 11 34.67 9.84 4.76
CA LEU A 11 35.11 9.03 3.64
C LEU A 11 35.90 7.82 4.10
N LYS A 12 36.51 7.92 5.28
CA LYS A 12 37.27 6.81 5.83
C LYS A 12 36.36 5.68 6.31
N CYS A 13 35.11 6.03 6.59
CA CYS A 13 34.13 5.05 7.06
C CYS A 13 33.48 4.28 5.90
N GLU A 14 33.70 4.73 4.67
CA GLU A 14 33.11 4.06 3.51
C GLU A 14 33.70 2.69 3.32
N PRO A 15 32.89 1.75 2.81
CA PRO A 15 33.34 0.39 2.57
C PRO A 15 34.11 0.39 1.23
N ASP A 16 34.76 -0.73 0.92
CA ASP A 16 35.51 -0.85 -0.33
C ASP A 16 34.68 -1.58 -1.37
N GLU A 17 33.92 -0.81 -2.13
CA GLU A 17 33.04 -1.30 -3.19
C GLU A 17 33.30 -2.73 -3.70
N PRO A 18 34.48 -2.98 -4.31
CA PRO A 18 34.79 -4.31 -4.83
C PRO A 18 34.57 -5.47 -3.85
N GLN A 19 35.15 -5.35 -2.67
CA GLN A 19 35.03 -6.40 -1.67
C GLN A 19 33.59 -6.61 -1.23
N VAL A 20 32.74 -5.63 -1.46
CA VAL A 20 31.33 -5.75 -1.09
C VAL A 20 30.57 -6.46 -2.21
N GLN A 21 30.83 -6.06 -3.45
CA GLN A 21 30.19 -6.67 -4.61
C GLN A 21 30.57 -8.13 -4.68
N ALA A 22 31.81 -8.44 -4.28
CA ALA A 22 32.30 -9.80 -4.27
C ALA A 22 31.52 -10.62 -3.25
N LYS A 23 31.60 -10.21 -1.99
CA LYS A 23 30.89 -10.90 -0.89
C LYS A 23 29.46 -11.23 -1.27
N ILE A 24 28.66 -10.19 -1.54
CA ILE A 24 27.25 -10.36 -1.92
C ILE A 24 27.11 -11.31 -3.10
N MET A 25 27.83 -11.01 -4.17
CA MET A 25 27.81 -11.80 -5.39
C MET A 25 27.97 -13.25 -4.97
N ALA A 26 29.05 -13.53 -4.25
CA ALA A 26 29.31 -14.87 -3.78
C ALA A 26 28.04 -15.43 -3.14
N TYR A 27 27.57 -14.76 -2.10
CA TYR A 27 26.36 -15.19 -1.38
C TYR A 27 25.23 -15.66 -2.29
N LEU A 28 25.06 -15.00 -3.44
CA LEU A 28 24.00 -15.35 -4.38
C LEU A 28 24.31 -16.65 -5.13
N GLN A 29 25.57 -16.84 -5.52
CA GLN A 29 25.97 -18.08 -6.17
C GLN A 29 25.72 -19.16 -5.12
N GLN A 30 26.26 -18.97 -3.92
CA GLN A 30 26.09 -19.91 -2.82
C GLN A 30 24.63 -20.22 -2.59
N GLU A 31 23.75 -19.39 -3.15
CA GLU A 31 22.32 -19.57 -2.98
C GLU A 31 21.81 -20.52 -4.04
N GLN A 32 21.53 -19.98 -5.23
CA GLN A 32 21.04 -20.76 -6.37
C GLN A 32 21.73 -22.12 -6.35
N SER A 33 23.06 -22.08 -6.48
CA SER A 33 23.90 -23.28 -6.48
C SER A 33 23.32 -24.41 -5.65
N ASN A 34 22.81 -24.09 -4.46
CA ASN A 34 22.22 -25.12 -3.59
C ASN A 34 20.97 -25.74 -4.23
N ARG A 35 19.82 -25.10 -4.07
CA ARG A 35 18.59 -25.64 -4.66
C ARG A 35 18.61 -25.38 -6.17
N ASN A 36 19.38 -26.23 -6.86
CA ASN A 36 19.57 -26.15 -8.30
C ASN A 36 18.33 -25.92 -9.17
N ARG A 37 17.15 -26.29 -8.69
CA ARG A 37 15.94 -26.10 -9.48
C ARG A 37 14.61 -26.09 -8.73
N GLN A 38 14.53 -26.83 -7.64
CA GLN A 38 13.29 -26.93 -6.86
C GLN A 38 13.15 -25.88 -5.76
N GLU A 39 12.29 -24.89 -5.99
CA GLU A 39 12.03 -23.81 -5.04
C GLU A 39 11.36 -22.63 -5.74
N LYS A 40 12.11 -21.54 -5.91
CA LYS A 40 11.63 -20.33 -6.55
C LYS A 40 12.84 -19.45 -6.90
N LEU A 41 13.17 -19.37 -8.19
CA LEU A 41 14.33 -18.59 -8.63
C LEU A 41 13.97 -17.41 -9.55
N SER A 42 12.68 -17.08 -9.57
CA SER A 42 12.15 -15.99 -10.40
C SER A 42 13.01 -14.73 -10.33
N ALA A 43 12.69 -13.76 -11.21
CA ALA A 43 13.42 -12.50 -11.27
C ALA A 43 13.26 -11.69 -9.98
N PHE A 44 12.30 -10.77 -9.98
CA PHE A 44 12.03 -9.93 -8.83
C PHE A 44 12.59 -10.47 -7.52
N GLY A 45 12.21 -11.69 -7.15
CA GLY A 45 12.70 -12.28 -5.92
C GLY A 45 14.20 -12.20 -5.76
N LEU A 46 14.93 -12.29 -6.86
CA LEU A 46 16.39 -12.23 -6.82
C LEU A 46 16.81 -10.85 -6.34
N LEU A 47 16.05 -9.84 -6.74
CA LEU A 47 16.33 -8.47 -6.34
C LEU A 47 16.20 -8.36 -4.82
N CYS A 48 15.05 -8.77 -4.30
CA CYS A 48 14.82 -8.70 -2.87
C CYS A 48 15.98 -9.31 -2.15
N LYS A 49 16.45 -10.43 -2.68
CA LYS A 49 17.55 -11.15 -2.08
C LYS A 49 18.76 -10.24 -1.93
N MET A 50 19.18 -9.60 -3.02
CA MET A 50 20.33 -8.71 -2.94
C MET A 50 20.01 -7.47 -2.12
N ALA A 51 18.78 -6.98 -2.23
CA ALA A 51 18.40 -5.81 -1.44
C ALA A 51 18.66 -6.15 0.03
N ASP A 52 18.29 -7.36 0.42
CA ASP A 52 18.49 -7.82 1.81
C ASP A 52 19.97 -7.84 2.14
N GLN A 53 20.80 -8.19 1.16
CA GLN A 53 22.24 -8.24 1.38
C GLN A 53 22.82 -6.84 1.38
N THR A 54 22.32 -5.99 0.48
CA THR A 54 22.80 -4.62 0.42
C THR A 54 22.53 -3.98 1.79
N LEU A 55 21.46 -4.46 2.43
CA LEU A 55 21.03 -3.97 3.74
C LEU A 55 21.99 -4.30 4.89
N PHE A 56 22.47 -5.55 4.95
CA PHE A 56 23.42 -5.92 6.00
C PHE A 56 24.62 -5.00 5.85
N SER A 57 24.98 -4.71 4.60
CA SER A 57 26.11 -3.86 4.27
C SER A 57 25.92 -2.43 4.78
N ILE A 58 24.70 -1.94 4.69
CA ILE A 58 24.41 -0.60 5.15
C ILE A 58 24.54 -0.59 6.65
N VAL A 59 23.94 -1.59 7.30
CA VAL A 59 24.02 -1.69 8.75
C VAL A 59 25.49 -1.69 9.16
N GLU A 60 26.30 -2.51 8.48
CA GLU A 60 27.73 -2.57 8.78
C GLU A 60 28.39 -1.20 8.67
N TRP A 61 28.12 -0.50 7.56
CA TRP A 61 28.68 0.82 7.34
C TRP A 61 28.32 1.77 8.47
N ALA A 62 27.05 1.81 8.84
CA ALA A 62 26.56 2.69 9.90
C ALA A 62 27.19 2.37 11.26
N ARG A 63 27.28 1.07 11.57
CA ARG A 63 27.84 0.58 12.82
C ARG A 63 29.27 1.06 13.07
N SER A 64 30.04 1.21 11.99
CA SER A 64 31.42 1.65 12.09
C SER A 64 31.63 3.12 11.76
N SER A 65 30.53 3.87 11.59
CA SER A 65 30.64 5.27 11.23
C SER A 65 30.97 6.17 12.41
N ILE A 66 31.75 7.22 12.10
CA ILE A 66 32.23 8.16 13.11
C ILE A 66 31.29 8.69 14.18
N PHE A 67 30.09 9.15 13.86
CA PHE A 67 29.30 9.64 15.01
C PHE A 67 28.27 8.64 15.51
N PHE A 68 27.75 7.85 14.58
CA PHE A 68 26.74 6.84 14.86
C PHE A 68 27.23 5.82 15.88
N ARG A 69 28.53 5.55 15.86
CA ARG A 69 29.13 4.57 16.77
C ARG A 69 29.12 5.02 18.23
N GLU A 70 28.61 6.21 18.48
CA GLU A 70 28.59 6.75 19.82
C GLU A 70 27.20 6.73 20.41
N LEU A 71 26.25 6.28 19.60
CA LEU A 71 24.86 6.20 20.04
C LEU A 71 24.58 4.85 20.67
N LYS A 72 23.67 4.81 21.63
CA LYS A 72 23.32 3.56 22.28
C LYS A 72 22.54 2.75 21.25
N VAL A 73 22.51 1.43 21.42
CA VAL A 73 21.81 0.53 20.53
C VAL A 73 20.34 0.91 20.23
N ASP A 74 19.62 1.40 21.23
CA ASP A 74 18.22 1.79 21.02
C ASP A 74 18.10 2.88 19.95
N ASP A 75 18.89 3.93 20.09
CA ASP A 75 18.85 5.03 19.12
C ASP A 75 19.37 4.55 17.76
N GLN A 76 20.41 3.73 17.75
CA GLN A 76 20.93 3.23 16.48
C GLN A 76 19.83 2.48 15.76
N MET A 77 19.04 1.72 16.51
CA MET A 77 17.96 0.95 15.91
C MET A 77 16.84 1.83 15.41
N LYS A 78 16.57 2.89 16.16
CA LYS A 78 15.52 3.81 15.75
C LYS A 78 15.92 4.53 14.46
N LEU A 79 17.14 5.04 14.40
CA LEU A 79 17.60 5.76 13.22
C LEU A 79 17.66 4.84 12.00
N LEU A 80 18.10 3.61 12.19
CA LEU A 80 18.17 2.68 11.08
C LEU A 80 16.78 2.22 10.59
N GLN A 81 15.85 2.03 11.51
CA GLN A 81 14.51 1.59 11.14
C GLN A 81 13.78 2.67 10.41
N ASN A 82 14.17 3.92 10.65
CA ASN A 82 13.54 5.06 10.01
C ASN A 82 14.02 5.36 8.61
N CYS A 83 15.22 4.90 8.26
CA CYS A 83 15.78 5.21 6.95
C CYS A 83 16.32 4.04 6.15
N TRP A 84 16.11 2.82 6.61
CA TRP A 84 16.64 1.66 5.92
C TRP A 84 16.30 1.60 4.42
N SER A 85 15.07 1.89 4.05
CA SER A 85 14.72 1.85 2.64
C SER A 85 15.31 3.05 1.87
N GLU A 86 15.47 4.20 2.54
CA GLU A 86 16.04 5.37 1.90
C GLU A 86 17.52 5.14 1.60
N LEU A 87 18.21 4.53 2.55
CA LEU A 87 19.62 4.22 2.35
C LEU A 87 19.75 3.26 1.17
N LEU A 88 18.85 2.30 1.07
CA LEU A 88 18.92 1.35 -0.02
C LEU A 88 18.79 2.08 -1.33
N ILE A 89 17.71 2.84 -1.47
CA ILE A 89 17.45 3.60 -2.68
C ILE A 89 18.59 4.55 -3.03
N LEU A 90 19.11 5.27 -2.03
CA LEU A 90 20.21 6.22 -2.25
C LEU A 90 21.41 5.46 -2.81
N ASP A 91 21.72 4.37 -2.13
CA ASP A 91 22.82 3.50 -2.50
C ASP A 91 22.66 3.10 -3.95
N HIS A 92 21.53 2.48 -4.30
CA HIS A 92 21.28 2.08 -5.69
C HIS A 92 21.51 3.25 -6.65
N ILE A 93 21.06 4.43 -6.26
CA ILE A 93 21.20 5.60 -7.10
C ILE A 93 22.64 6.06 -7.29
N TYR A 94 23.38 6.20 -6.20
CA TYR A 94 24.76 6.65 -6.31
C TYR A 94 25.59 5.67 -7.11
N ARG A 95 25.21 4.40 -7.08
CA ARG A 95 25.92 3.36 -7.84
C ARG A 95 25.73 3.53 -9.33
N GLN A 96 24.51 3.91 -9.74
CA GLN A 96 24.25 4.13 -11.14
C GLN A 96 24.93 5.41 -11.62
N VAL A 97 24.93 6.45 -10.81
CA VAL A 97 25.60 7.72 -11.17
C VAL A 97 27.12 7.56 -11.30
N ALA A 98 27.70 6.71 -10.47
CA ALA A 98 29.14 6.50 -10.50
C ALA A 98 29.58 5.33 -11.39
N HIS A 99 28.74 4.33 -11.60
CA HIS A 99 29.14 3.19 -12.45
C HIS A 99 28.08 2.74 -13.45
N GLY A 100 27.05 3.56 -13.68
CA GLY A 100 26.02 3.17 -14.62
C GLY A 100 26.19 3.83 -15.98
N LYS A 101 25.30 3.51 -16.93
CA LYS A 101 25.35 4.09 -18.27
C LYS A 101 23.96 4.08 -18.85
N GLU A 102 23.86 4.51 -20.11
CA GLU A 102 22.63 4.57 -20.88
C GLU A 102 21.45 3.91 -20.20
N GLY A 103 20.98 2.81 -20.78
CA GLY A 103 19.87 2.08 -20.21
C GLY A 103 20.37 0.74 -19.68
N THR A 104 21.28 0.79 -18.71
CA THR A 104 21.82 -0.41 -18.09
C THR A 104 21.86 -0.20 -16.58
N ILE A 105 21.40 -1.19 -15.83
CA ILE A 105 21.40 -1.12 -14.37
C ILE A 105 22.63 -1.82 -13.81
N PHE A 106 23.39 -1.13 -12.97
CA PHE A 106 24.59 -1.72 -12.38
C PHE A 106 24.25 -2.23 -10.97
N LEU A 107 24.09 -3.54 -10.83
CA LEU A 107 23.73 -4.12 -9.54
C LEU A 107 24.84 -4.07 -8.51
N VAL A 108 24.46 -4.24 -7.25
CA VAL A 108 25.41 -4.20 -6.15
C VAL A 108 26.47 -5.28 -6.22
N THR A 109 26.26 -6.30 -7.05
CA THR A 109 27.24 -7.38 -7.17
C THR A 109 28.34 -6.98 -8.14
N GLY A 110 28.04 -6.02 -9.01
CA GLY A 110 28.99 -5.56 -10.01
C GLY A 110 28.52 -5.91 -11.41
N GLU A 111 27.34 -6.52 -11.50
CA GLU A 111 26.78 -6.91 -12.78
C GLU A 111 25.88 -5.88 -13.44
N HIS A 112 26.11 -5.60 -14.72
CA HIS A 112 25.27 -4.64 -15.45
C HIS A 112 24.09 -5.49 -15.97
N VAL A 113 22.84 -4.98 -15.95
CA VAL A 113 21.70 -5.79 -16.42
C VAL A 113 20.68 -5.03 -17.29
N ASP A 114 21.15 -4.52 -18.42
CA ASP A 114 20.35 -3.74 -19.37
C ASP A 114 18.96 -3.32 -18.86
N TYR A 115 18.77 -2.01 -18.72
CA TYR A 115 17.50 -1.47 -18.23
C TYR A 115 16.36 -2.17 -18.94
N SER A 116 16.49 -2.31 -20.26
CA SER A 116 15.48 -2.97 -21.08
C SER A 116 15.04 -4.32 -20.50
N THR A 117 16.02 -5.16 -20.20
CA THR A 117 15.73 -6.47 -19.63
C THR A 117 14.83 -6.34 -18.41
N ILE A 118 15.40 -5.83 -17.33
CA ILE A 118 14.72 -5.65 -16.05
C ILE A 118 13.26 -5.25 -16.17
N ILE A 119 12.96 -4.37 -17.11
CA ILE A 119 11.61 -3.90 -17.33
C ILE A 119 10.69 -4.94 -17.99
N SER A 120 11.27 -5.98 -18.60
CA SER A 120 10.47 -7.00 -19.27
C SER A 120 10.16 -8.23 -18.43
N HIS A 121 10.85 -8.39 -17.31
CA HIS A 121 10.65 -9.54 -16.44
C HIS A 121 10.07 -9.13 -15.09
N THR A 122 9.56 -7.90 -15.02
CA THR A 122 8.98 -7.40 -13.79
C THR A 122 7.65 -6.71 -14.08
N GLU A 123 6.82 -6.58 -13.06
CA GLU A 123 5.51 -5.94 -13.18
C GLU A 123 5.70 -4.44 -13.34
N VAL A 124 4.65 -3.76 -13.83
CA VAL A 124 4.72 -2.32 -14.03
C VAL A 124 4.85 -1.53 -12.73
N ALA A 125 4.21 -2.00 -11.66
CA ALA A 125 4.28 -1.30 -10.38
C ALA A 125 5.72 -1.28 -9.88
N PHE A 126 6.49 -2.29 -10.25
CA PHE A 126 7.91 -2.34 -9.88
C PHE A 126 8.64 -1.46 -10.87
N ASN A 127 8.35 -1.67 -12.15
CA ASN A 127 8.95 -0.90 -13.24
C ASN A 127 8.89 0.59 -12.95
N ASN A 128 7.74 1.04 -12.47
CA ASN A 128 7.52 2.45 -12.17
C ASN A 128 8.47 2.96 -11.09
N LEU A 129 8.71 2.14 -10.07
CA LEU A 129 9.62 2.53 -8.99
C LEU A 129 11.04 2.71 -9.51
N LEU A 130 11.53 1.66 -10.16
CA LEU A 130 12.87 1.64 -10.74
C LEU A 130 13.09 2.88 -11.60
N SER A 131 12.08 3.22 -12.38
CA SER A 131 12.11 4.37 -13.26
C SER A 131 12.12 5.66 -12.47
N LEU A 132 11.42 5.69 -11.35
CA LEU A 132 11.39 6.88 -10.50
C LEU A 132 12.82 7.07 -10.01
N ALA A 133 13.46 5.97 -9.65
CA ALA A 133 14.83 6.01 -9.17
C ALA A 133 15.78 6.49 -10.26
N GLN A 134 15.56 6.03 -11.49
CA GLN A 134 16.41 6.39 -12.63
C GLN A 134 16.32 7.85 -13.06
N GLU A 135 15.26 8.53 -12.64
CA GLU A 135 15.08 9.93 -12.99
C GLU A 135 16.08 10.74 -12.16
N LEU A 136 16.22 10.33 -10.91
CA LEU A 136 17.14 10.99 -10.00
C LEU A 136 18.56 10.77 -10.50
N VAL A 137 18.84 9.55 -10.94
CA VAL A 137 20.16 9.22 -11.47
C VAL A 137 20.55 10.21 -12.56
N VAL A 138 19.62 10.47 -13.48
CA VAL A 138 19.86 11.41 -14.58
C VAL A 138 20.15 12.80 -14.02
N ARG A 139 19.31 13.28 -13.13
CA ARG A 139 19.51 14.60 -12.53
C ARG A 139 20.87 14.68 -11.85
N LEU A 140 21.15 13.71 -11.00
CA LEU A 140 22.40 13.69 -10.24
C LEU A 140 23.63 13.56 -11.12
N ARG A 141 23.45 12.97 -12.29
CA ARG A 141 24.55 12.79 -13.22
C ARG A 141 24.85 14.16 -13.83
N SER A 142 23.81 14.98 -14.00
CA SER A 142 23.94 16.32 -14.58
C SER A 142 24.50 17.29 -13.55
N LEU A 143 24.28 16.99 -12.28
CA LEU A 143 24.75 17.85 -11.21
C LEU A 143 26.19 17.55 -10.81
N GLN A 144 26.78 16.54 -11.44
CA GLN A 144 28.16 16.16 -11.12
C GLN A 144 28.22 15.69 -9.67
N PHE A 145 27.24 14.89 -9.29
CA PHE A 145 27.14 14.32 -7.95
C PHE A 145 28.38 13.44 -7.70
N ASP A 146 29.20 13.80 -6.72
CA ASP A 146 30.40 13.02 -6.45
C ASP A 146 30.36 12.22 -5.13
N GLN A 147 31.40 11.43 -4.88
CA GLN A 147 31.42 10.63 -3.68
C GLN A 147 31.37 11.44 -2.41
N ARG A 148 32.12 12.53 -2.36
CA ARG A 148 32.11 13.36 -1.17
C ARG A 148 30.68 13.81 -0.82
N GLU A 149 29.90 14.13 -1.85
CA GLU A 149 28.53 14.57 -1.65
C GLU A 149 27.64 13.39 -1.32
N PHE A 150 27.99 12.24 -1.87
CA PHE A 150 27.24 11.04 -1.59
C PHE A 150 27.29 10.63 -0.11
N VAL A 151 28.47 10.73 0.52
CA VAL A 151 28.56 10.35 1.94
C VAL A 151 27.81 11.36 2.82
N CYS A 152 27.80 12.62 2.42
CA CYS A 152 27.08 13.62 3.20
C CYS A 152 25.58 13.36 3.20
N LEU A 153 25.06 12.89 2.06
CA LEU A 153 23.63 12.63 2.02
C LEU A 153 23.28 11.41 2.84
N LYS A 154 24.18 10.42 2.88
CA LYS A 154 23.92 9.22 3.68
C LYS A 154 23.73 9.63 5.14
N PHE A 155 24.60 10.53 5.63
CA PHE A 155 24.49 10.97 7.01
C PHE A 155 23.27 11.88 7.25
N LEU A 156 22.84 12.59 6.20
CA LEU A 156 21.68 13.45 6.32
C LEU A 156 20.40 12.63 6.34
N VAL A 157 20.47 11.45 5.71
CA VAL A 157 19.35 10.54 5.66
C VAL A 157 19.33 9.70 6.96
N LEU A 158 20.50 9.32 7.44
CA LEU A 158 20.60 8.54 8.68
C LEU A 158 20.34 9.38 9.93
N PHE A 159 20.93 10.56 10.01
CA PHE A 159 20.73 11.41 11.18
C PHE A 159 19.57 12.36 11.05
N SER A 160 18.36 11.81 10.98
CA SER A 160 17.16 12.61 10.88
C SER A 160 16.66 13.07 12.27
N SER A 161 16.37 14.36 12.38
CA SER A 161 15.89 14.92 13.64
C SER A 161 14.39 14.68 13.76
N ASP A 162 13.78 14.23 12.67
CA ASP A 162 12.34 13.98 12.69
C ASP A 162 11.96 12.63 13.25
N VAL A 163 12.90 12.01 13.97
CA VAL A 163 12.69 10.73 14.60
C VAL A 163 12.36 11.05 16.06
N LYS A 164 11.30 10.47 16.59
CA LYS A 164 10.91 10.75 17.96
C LYS A 164 11.29 9.66 18.94
N ASN A 165 11.45 10.05 20.20
CA ASN A 165 11.82 9.15 21.28
C ASN A 165 13.28 8.74 21.26
N LEU A 166 14.13 9.64 20.79
CA LEU A 166 15.56 9.38 20.75
C LEU A 166 16.11 9.75 22.12
N GLU A 167 16.99 8.92 22.65
CA GLU A 167 17.57 9.21 23.95
C GLU A 167 18.45 10.44 23.82
N ASN A 168 19.38 10.42 22.88
CA ASN A 168 20.31 11.54 22.65
C ASN A 168 19.95 12.34 21.41
N LEU A 169 18.90 13.14 21.52
CA LEU A 169 18.46 13.96 20.39
C LEU A 169 19.47 15.03 19.99
N GLN A 170 20.12 15.63 20.98
CA GLN A 170 21.10 16.68 20.71
C GLN A 170 22.21 16.23 19.79
N LEU A 171 22.70 15.00 19.98
CA LEU A 171 23.77 14.49 19.14
C LEU A 171 23.35 14.39 17.69
N VAL A 172 22.17 13.81 17.46
CA VAL A 172 21.67 13.66 16.11
C VAL A 172 21.56 15.03 15.45
N GLU A 173 21.05 16.02 16.19
CA GLU A 173 20.91 17.36 15.64
C GLU A 173 22.24 18.06 15.48
N GLY A 174 23.26 17.55 16.18
CA GLY A 174 24.58 18.13 16.08
C GLY A 174 25.22 17.62 14.79
N VAL A 175 25.16 16.30 14.60
CA VAL A 175 25.71 15.68 13.41
C VAL A 175 25.12 16.36 12.16
N GLN A 176 23.80 16.48 12.17
CA GLN A 176 23.04 17.10 11.09
C GLN A 176 23.57 18.49 10.68
N GLU A 177 23.86 19.33 11.66
CA GLU A 177 24.38 20.66 11.41
C GLU A 177 25.83 20.59 10.96
N GLN A 178 26.52 19.57 11.46
CA GLN A 178 27.92 19.36 11.14
C GLN A 178 28.07 19.00 9.65
N VAL A 179 27.18 18.15 9.16
CA VAL A 179 27.20 17.70 7.78
C VAL A 179 26.69 18.73 6.76
N ASN A 180 25.58 19.40 7.07
CA ASN A 180 25.04 20.40 6.14
C ASN A 180 26.08 21.44 5.88
N ALA A 181 26.68 21.94 6.95
CA ALA A 181 27.71 22.96 6.84
C ALA A 181 28.86 22.44 5.99
N ALA A 182 29.21 21.18 6.18
CA ALA A 182 30.29 20.57 5.43
C ALA A 182 29.93 20.49 3.95
N LEU A 183 28.73 19.99 3.66
CA LEU A 183 28.29 19.87 2.26
C LEU A 183 28.21 21.22 1.54
N LEU A 184 27.79 22.26 2.28
CA LEU A 184 27.68 23.58 1.69
C LEU A 184 29.08 24.05 1.35
N ASP A 185 29.95 24.09 2.36
CA ASP A 185 31.34 24.51 2.22
C ASP A 185 31.96 23.84 0.99
N TYR A 186 31.76 22.53 0.91
CA TYR A 186 32.30 21.75 -0.17
C TYR A 186 31.77 22.12 -1.54
N THR A 187 30.47 22.04 -1.72
CA THR A 187 29.91 22.31 -3.05
C THR A 187 30.16 23.68 -3.64
N VAL A 188 30.21 24.72 -2.80
CA VAL A 188 30.48 26.04 -3.34
C VAL A 188 31.96 26.17 -3.67
N CYS A 189 32.81 25.68 -2.76
CA CYS A 189 34.25 25.74 -2.96
C CYS A 189 34.75 24.86 -4.09
N ASN A 190 34.10 23.73 -4.32
CA ASN A 190 34.54 22.80 -5.35
C ASN A 190 33.76 22.83 -6.66
N TYR A 191 32.58 23.43 -6.64
CA TYR A 191 31.76 23.57 -7.84
C TYR A 191 31.18 25.00 -7.82
N PRO A 192 32.02 26.00 -7.56
CA PRO A 192 31.56 27.39 -7.50
C PRO A 192 30.70 27.90 -8.68
N GLN A 193 30.94 27.38 -9.87
CA GLN A 193 30.19 27.81 -11.05
C GLN A 193 28.74 27.37 -11.01
N GLN A 194 28.46 26.30 -10.27
CA GLN A 194 27.11 25.78 -10.16
C GLN A 194 26.38 26.45 -9.00
N THR A 195 25.79 27.60 -9.30
CA THR A 195 25.06 28.42 -8.33
C THR A 195 24.37 27.70 -7.20
N GLU A 196 23.55 26.69 -7.50
CA GLU A 196 22.87 26.00 -6.41
C GLU A 196 22.93 24.49 -6.37
N LYS A 197 24.12 23.95 -6.47
CA LYS A 197 24.29 22.52 -6.38
C LYS A 197 23.76 22.12 -4.99
N PHE A 198 24.17 22.86 -3.96
CA PHE A 198 23.75 22.57 -2.61
C PHE A 198 22.24 22.46 -2.47
N GLY A 199 21.53 23.50 -2.88
CA GLY A 199 20.10 23.46 -2.78
C GLY A 199 19.57 22.29 -3.59
N GLN A 200 20.09 22.14 -4.79
CA GLN A 200 19.63 21.06 -5.64
C GLN A 200 19.84 19.71 -5.01
N LEU A 201 21.00 19.50 -4.38
CA LEU A 201 21.29 18.21 -3.75
C LEU A 201 20.27 17.85 -2.67
N LEU A 202 19.98 18.81 -1.80
CA LEU A 202 19.01 18.58 -0.72
C LEU A 202 17.60 18.30 -1.23
N LEU A 203 17.22 18.93 -2.35
CA LEU A 203 15.88 18.72 -2.90
C LEU A 203 15.63 17.26 -3.25
N ARG A 204 16.71 16.52 -3.39
CA ARG A 204 16.63 15.12 -3.74
C ARG A 204 16.14 14.24 -2.60
N LEU A 205 16.44 14.60 -1.37
CA LEU A 205 16.05 13.74 -0.25
C LEU A 205 14.56 13.49 -0.08
N PRO A 206 13.73 14.53 -0.26
CA PRO A 206 12.29 14.26 -0.11
C PRO A 206 11.83 13.36 -1.24
N GLU A 207 12.54 13.40 -2.37
CA GLU A 207 12.18 12.57 -3.50
C GLU A 207 12.59 11.12 -3.22
N ILE A 208 13.76 10.94 -2.62
CA ILE A 208 14.27 9.62 -2.28
C ILE A 208 13.31 9.02 -1.25
N ARG A 209 12.81 9.88 -0.38
CA ARG A 209 11.86 9.48 0.64
C ARG A 209 10.57 8.93 0.00
N ALA A 210 9.89 9.80 -0.76
CA ALA A 210 8.63 9.42 -1.39
C ALA A 210 8.74 8.15 -2.21
N ILE A 211 9.94 7.84 -2.67
CA ILE A 211 10.12 6.63 -3.45
C ILE A 211 10.23 5.45 -2.49
N SER A 212 10.95 5.62 -1.39
CA SER A 212 11.07 4.51 -0.47
C SER A 212 9.69 4.17 0.11
N LYS A 213 8.77 5.13 0.09
CA LYS A 213 7.42 4.87 0.61
C LYS A 213 6.65 3.94 -0.30
N GLN A 214 6.69 4.22 -1.60
CA GLN A 214 6.01 3.39 -2.60
C GLN A 214 6.71 2.05 -2.63
N ALA A 215 8.02 2.08 -2.44
CA ALA A 215 8.79 0.85 -2.47
C ALA A 215 8.26 -0.07 -1.38
N GLU A 216 8.25 0.43 -0.15
CA GLU A 216 7.79 -0.37 0.97
C GLU A 216 6.38 -0.92 0.81
N ASP A 217 5.50 -0.13 0.21
CA ASP A 217 4.11 -0.58 0.00
C ASP A 217 4.09 -1.71 -1.01
N TYR A 218 4.91 -1.60 -2.04
CA TYR A 218 4.95 -2.64 -3.04
C TYR A 218 5.49 -3.92 -2.37
N LEU A 219 6.64 -3.79 -1.72
CA LEU A 219 7.24 -4.92 -1.04
C LEU A 219 6.25 -5.60 -0.11
N TYR A 220 5.61 -4.81 0.73
CA TYR A 220 4.63 -5.32 1.68
C TYR A 220 3.51 -6.07 0.97
N TYR A 221 3.07 -5.54 -0.16
CA TYR A 221 2.00 -6.13 -0.95
C TYR A 221 2.46 -7.45 -1.57
N LYS A 222 3.73 -7.52 -1.97
CA LYS A 222 4.26 -8.74 -2.56
C LYS A 222 4.54 -9.78 -1.49
N HIS A 223 4.76 -9.34 -0.26
CA HIS A 223 5.05 -10.25 0.84
C HIS A 223 3.79 -10.90 1.40
N VAL A 224 2.68 -10.18 1.38
CA VAL A 224 1.43 -10.72 1.90
C VAL A 224 0.92 -11.88 1.05
N ASN A 225 1.65 -12.21 -0.03
CA ASN A 225 1.26 -13.32 -0.89
C ASN A 225 2.43 -14.13 -1.45
N GLY A 226 3.24 -14.66 -0.54
CA GLY A 226 4.38 -15.49 -0.92
C GLY A 226 5.20 -15.13 -2.14
N ASP A 227 5.19 -13.86 -2.54
CA ASP A 227 5.97 -13.45 -3.71
C ASP A 227 7.32 -12.86 -3.30
N VAL A 228 7.75 -13.21 -2.09
CA VAL A 228 9.03 -12.76 -1.55
C VAL A 228 9.56 -13.95 -0.76
N PRO A 229 10.74 -14.46 -1.10
CA PRO A 229 11.32 -15.59 -0.38
C PRO A 229 11.24 -15.40 1.13
N TYR A 230 12.35 -14.93 1.70
CA TYR A 230 12.44 -14.66 3.11
C TYR A 230 13.74 -13.91 3.29
N ASN A 231 13.69 -12.84 4.07
CA ASN A 231 14.86 -12.03 4.31
C ASN A 231 14.64 -11.47 5.70
N ASN A 232 14.99 -12.26 6.70
CA ASN A 232 14.82 -11.84 8.09
C ASN A 232 15.11 -10.36 8.31
N LEU A 233 15.99 -9.79 7.49
CA LEU A 233 16.32 -8.38 7.63
C LEU A 233 15.39 -7.49 6.80
N LEU A 234 15.15 -7.85 5.55
CA LEU A 234 14.26 -7.06 4.72
C LEU A 234 12.90 -6.93 5.41
N ILE A 235 12.25 -8.07 5.62
CA ILE A 235 10.93 -8.14 6.26
C ILE A 235 10.91 -7.57 7.68
N GLU A 236 11.93 -7.87 8.48
CA GLU A 236 11.96 -7.34 9.82
C GLU A 236 11.85 -5.82 9.73
N MET A 237 12.80 -5.21 9.03
CA MET A 237 12.82 -3.76 8.86
C MET A 237 11.44 -3.30 8.43
N LEU A 238 10.91 -3.98 7.42
CA LEU A 238 9.60 -3.67 6.87
C LEU A 238 8.47 -3.66 7.91
N HIS A 239 8.63 -4.41 9.00
CA HIS A 239 7.59 -4.46 10.04
C HIS A 239 7.86 -3.61 11.28
N ALA A 240 8.72 -2.60 11.15
CA ALA A 240 9.04 -1.73 12.26
C ALA A 240 7.83 -0.88 12.66
N LYS A 241 7.07 -0.45 11.65
CA LYS A 241 5.85 0.34 11.84
C LYS A 241 4.71 -0.34 11.08
N ARG A 242 4.77 -0.28 9.74
CA ARG A 242 3.81 -0.92 8.83
C ARG A 242 2.41 -0.35 8.59
N ALA A 243 2.16 0.90 8.97
CA ALA A 243 0.84 1.49 8.77
C ALA A 243 0.82 3.01 8.94
N ALA B 1 -44.96 -7.84 14.43
CA ALA B 1 -44.11 -8.86 13.74
C ALA B 1 -42.74 -8.95 14.41
N SER B 2 -42.49 -8.06 15.36
CA SER B 2 -41.24 -7.99 16.10
C SER B 2 -40.08 -7.42 15.30
N ILE B 3 -40.35 -6.35 14.56
CA ILE B 3 -39.31 -5.68 13.81
C ILE B 3 -39.26 -4.24 14.31
N PRO B 4 -38.19 -3.89 15.04
CA PRO B 4 -38.00 -2.54 15.58
C PRO B 4 -38.27 -1.46 14.56
N HIS B 5 -38.91 -0.38 15.00
CA HIS B 5 -39.24 0.74 14.11
C HIS B 5 -38.03 1.31 13.37
N LEU B 6 -36.88 1.30 14.02
CA LEU B 6 -35.69 1.84 13.39
C LEU B 6 -35.31 1.01 12.18
N ILE B 7 -35.35 -0.30 12.33
CA ILE B 7 -34.98 -1.17 11.22
C ILE B 7 -36.00 -1.05 10.10
N LEU B 8 -37.27 -0.82 10.44
CA LEU B 8 -38.30 -0.66 9.42
C LEU B 8 -38.00 0.55 8.56
N GLU B 9 -37.38 1.57 9.17
CA GLU B 9 -37.04 2.76 8.40
C GLU B 9 -35.80 2.60 7.55
N LEU B 10 -34.86 1.76 7.99
CA LEU B 10 -33.66 1.52 7.20
C LEU B 10 -34.02 0.69 5.97
N LEU B 11 -34.98 -0.22 6.12
CA LEU B 11 -35.40 -1.06 5.00
C LEU B 11 -35.99 -0.20 3.87
N LYS B 12 -36.69 0.87 4.24
CA LYS B 12 -37.32 1.76 3.27
C LYS B 12 -36.32 2.45 2.37
N CYS B 13 -35.08 2.55 2.83
CA CYS B 13 -34.04 3.23 2.08
C CYS B 13 -33.28 2.30 1.15
N GLU B 14 -33.70 1.04 1.09
CA GLU B 14 -33.05 0.09 0.22
C GLU B 14 -33.46 0.33 -1.21
N PRO B 15 -32.52 0.20 -2.14
CA PRO B 15 -32.88 0.42 -3.54
C PRO B 15 -33.55 -0.87 -4.01
N ASP B 16 -34.21 -0.84 -5.16
CA ASP B 16 -34.86 -2.05 -5.66
C ASP B 16 -33.92 -2.83 -6.57
N GLU B 17 -33.44 -3.97 -6.05
CA GLU B 17 -32.52 -4.86 -6.75
C GLU B 17 -32.86 -5.02 -8.23
N PRO B 18 -34.12 -5.38 -8.54
CA PRO B 18 -34.50 -5.56 -9.94
C PRO B 18 -34.17 -4.36 -10.83
N GLN B 19 -34.53 -3.16 -10.39
CA GLN B 19 -34.27 -1.96 -11.17
C GLN B 19 -32.81 -1.56 -11.16
N VAL B 20 -32.03 -2.18 -10.27
CA VAL B 20 -30.62 -1.89 -10.15
C VAL B 20 -29.77 -2.85 -10.97
N GLN B 21 -30.14 -4.14 -10.96
CA GLN B 21 -29.43 -5.12 -11.75
C GLN B 21 -29.67 -4.79 -13.21
N ALA B 22 -30.78 -4.08 -13.46
CA ALA B 22 -31.15 -3.67 -14.80
C ALA B 22 -30.25 -2.54 -15.28
N LYS B 23 -30.35 -1.40 -14.61
CA LYS B 23 -29.55 -0.23 -14.93
C LYS B 23 -28.08 -0.56 -15.24
N ILE B 24 -27.46 -1.32 -14.33
CA ILE B 24 -26.07 -1.73 -14.47
C ILE B 24 -25.87 -2.67 -15.65
N MET B 25 -26.65 -3.74 -15.66
CA MET B 25 -26.58 -4.76 -16.71
C MET B 25 -26.66 -4.08 -18.08
N ALA B 26 -27.53 -3.09 -18.18
CA ALA B 26 -27.71 -2.34 -19.43
C ALA B 26 -26.41 -1.61 -19.75
N TYR B 27 -25.94 -0.79 -18.81
CA TYR B 27 -24.71 -0.01 -18.96
C TYR B 27 -23.53 -0.82 -19.49
N LEU B 28 -23.37 -2.05 -19.00
CA LEU B 28 -22.29 -2.92 -19.44
C LEU B 28 -22.49 -3.35 -20.88
N GLN B 29 -23.70 -3.79 -21.22
CA GLN B 29 -24.00 -4.20 -22.59
C GLN B 29 -23.72 -3.02 -23.52
N GLN B 30 -24.18 -1.85 -23.12
CA GLN B 30 -23.99 -0.64 -23.91
C GLN B 30 -22.53 -0.20 -23.87
N GLU B 31 -21.72 -0.90 -23.07
CA GLU B 31 -20.31 -0.59 -22.95
C GLU B 31 -19.52 -1.37 -23.99
N GLN B 32 -19.71 -2.69 -23.99
CA GLN B 32 -19.04 -3.58 -24.93
C GLN B 32 -19.56 -3.28 -26.33
N SER B 33 -20.88 -3.26 -26.47
CA SER B 33 -21.56 -3.00 -27.73
C SER B 33 -20.86 -1.93 -28.58
N ASN B 34 -20.36 -0.89 -27.93
CA ASN B 34 -19.67 0.19 -28.65
C ASN B 34 -18.37 -0.30 -29.28
N ARG B 35 -17.29 -0.36 -28.51
CA ARG B 35 -16.02 -0.83 -29.08
C ARG B 35 -16.10 -2.35 -29.25
N ASN B 36 -16.73 -2.76 -30.35
CA ASN B 36 -16.92 -4.17 -30.67
C ASN B 36 -15.73 -5.09 -30.42
N ARG B 37 -14.52 -4.56 -30.47
CA ARG B 37 -13.34 -5.40 -30.25
C ARG B 37 -12.03 -4.64 -30.04
N GLN B 38 -11.98 -3.39 -30.50
CA GLN B 38 -10.76 -2.59 -30.37
C GLN B 38 -10.63 -1.81 -29.07
N GLU B 39 -9.82 -2.34 -28.16
CA GLU B 39 -9.56 -1.71 -26.85
C GLU B 39 -9.09 -2.75 -25.84
N LYS B 40 -10.00 -3.19 -24.97
CA LYS B 40 -9.67 -4.20 -23.96
C LYS B 40 -10.86 -4.65 -23.10
N LEU B 41 -11.63 -5.60 -23.62
CA LEU B 41 -12.77 -6.12 -22.89
C LEU B 41 -12.24 -6.93 -21.72
N SER B 42 -11.22 -7.74 -22.00
CA SER B 42 -10.59 -8.59 -20.99
C SER B 42 -11.63 -9.24 -20.08
N ALA B 43 -11.18 -9.68 -18.92
CA ALA B 43 -12.06 -10.28 -17.94
C ALA B 43 -12.09 -9.34 -16.75
N PHE B 44 -10.92 -9.15 -16.16
CA PHE B 44 -10.76 -8.27 -15.01
C PHE B 44 -11.42 -6.92 -15.26
N GLY B 45 -11.00 -6.25 -16.33
CA GLY B 45 -11.54 -4.95 -16.66
C GLY B 45 -13.06 -4.85 -16.72
N LEU B 46 -13.74 -6.00 -16.76
CA LEU B 46 -15.20 -6.01 -16.82
C LEU B 46 -15.73 -5.88 -15.39
N LEU B 47 -15.08 -6.58 -14.47
CA LEU B 47 -15.49 -6.52 -13.08
C LEU B 47 -15.30 -5.10 -12.57
N CYS B 48 -14.13 -4.52 -12.85
CA CYS B 48 -13.85 -3.14 -12.43
C CYS B 48 -15.01 -2.24 -12.80
N LYS B 49 -15.38 -2.29 -14.07
CA LYS B 49 -16.46 -1.50 -14.63
C LYS B 49 -17.78 -1.64 -13.86
N MET B 50 -18.19 -2.86 -13.57
CA MET B 50 -19.43 -3.08 -12.84
C MET B 50 -19.21 -2.68 -11.38
N ALA B 51 -18.00 -2.91 -10.88
CA ALA B 51 -17.68 -2.52 -9.51
C ALA B 51 -17.91 -1.01 -9.44
N ASP B 52 -17.33 -0.29 -10.40
CA ASP B 52 -17.50 1.15 -10.44
C ASP B 52 -18.98 1.52 -10.45
N GLN B 53 -19.79 0.74 -11.14
CA GLN B 53 -21.21 1.02 -11.20
C GLN B 53 -21.95 0.67 -9.90
N THR B 54 -21.53 -0.40 -9.24
CA THR B 54 -22.15 -0.78 -7.97
C THR B 54 -21.86 0.36 -6.98
N LEU B 55 -20.75 1.06 -7.22
CA LEU B 55 -20.31 2.16 -6.39
C LEU B 55 -21.25 3.35 -6.52
N PHE B 56 -21.54 3.78 -7.75
CA PHE B 56 -22.47 4.89 -7.93
C PHE B 56 -23.74 4.56 -7.15
N SER B 57 -24.18 3.32 -7.30
CA SER B 57 -25.38 2.85 -6.62
C SER B 57 -25.31 2.99 -5.09
N ILE B 58 -24.17 2.63 -4.51
CA ILE B 58 -24.04 2.73 -3.07
C ILE B 58 -24.05 4.18 -2.63
N VAL B 59 -23.51 5.05 -3.47
CA VAL B 59 -23.48 6.48 -3.19
C VAL B 59 -24.88 7.06 -3.34
N GLU B 60 -25.65 6.54 -4.29
CA GLU B 60 -27.02 7.03 -4.48
C GLU B 60 -27.81 6.57 -3.25
N TRP B 61 -27.53 5.35 -2.79
CA TRP B 61 -28.19 4.81 -1.62
C TRP B 61 -27.92 5.67 -0.40
N ALA B 62 -26.66 5.75 0.01
CA ALA B 62 -26.26 6.53 1.18
C ALA B 62 -26.87 7.93 1.15
N ARG B 63 -26.69 8.61 0.01
CA ARG B 63 -27.21 9.96 -0.16
C ARG B 63 -28.69 10.13 0.23
N SER B 64 -29.53 9.17 -0.14
CA SER B 64 -30.96 9.24 0.17
C SER B 64 -31.39 8.64 1.50
N SER B 65 -30.47 8.02 2.23
CA SER B 65 -30.81 7.41 3.52
C SER B 65 -31.26 8.36 4.61
N ILE B 66 -32.13 7.85 5.48
CA ILE B 66 -32.71 8.61 6.56
C ILE B 66 -31.80 9.51 7.42
N PHE B 67 -30.68 8.99 7.92
CA PHE B 67 -29.85 9.84 8.77
C PHE B 67 -28.63 10.43 8.06
N PHE B 68 -28.16 9.73 7.04
CA PHE B 68 -27.01 10.18 6.29
C PHE B 68 -27.32 11.50 5.60
N ARG B 69 -28.58 11.66 5.22
CA ARG B 69 -29.01 12.88 4.52
C ARG B 69 -28.99 14.10 5.44
N GLU B 70 -28.84 13.87 6.74
CA GLU B 70 -28.77 14.98 7.69
C GLU B 70 -27.37 15.54 7.81
N LEU B 71 -26.36 14.77 7.41
CA LEU B 71 -24.99 15.23 7.50
C LEU B 71 -24.63 16.20 6.39
N LYS B 72 -23.65 17.04 6.64
CA LYS B 72 -23.18 17.98 5.64
C LYS B 72 -22.22 17.24 4.69
N VAL B 73 -22.15 17.68 3.45
CA VAL B 73 -21.30 17.02 2.46
C VAL B 73 -19.92 16.61 2.96
N ASP B 74 -19.29 17.48 3.74
CA ASP B 74 -17.97 17.16 4.26
C ASP B 74 -17.94 15.84 5.02
N ASP B 75 -18.93 15.62 5.87
CA ASP B 75 -19.00 14.39 6.66
C ASP B 75 -19.40 13.20 5.79
N GLN B 76 -20.26 13.44 4.81
CA GLN B 76 -20.70 12.36 3.94
C GLN B 76 -19.53 11.81 3.14
N MET B 77 -18.68 12.69 2.64
CA MET B 77 -17.53 12.24 1.87
C MET B 77 -16.52 11.51 2.75
N LYS B 78 -16.34 12.01 3.98
CA LYS B 78 -15.40 11.38 4.90
C LYS B 78 -15.86 9.97 5.26
N LEU B 79 -17.15 9.81 5.55
CA LEU B 79 -17.70 8.51 5.89
C LEU B 79 -17.64 7.54 4.71
N LEU B 80 -17.99 8.02 3.51
CA LEU B 80 -17.97 7.18 2.32
C LEU B 80 -16.55 6.79 1.91
N GLN B 81 -15.64 7.74 1.94
CA GLN B 81 -14.26 7.44 1.57
C GLN B 81 -13.66 6.37 2.46
N ASN B 82 -14.17 6.28 3.68
CA ASN B 82 -13.69 5.33 4.66
C ASN B 82 -14.31 3.95 4.59
N CYS B 83 -15.46 3.82 3.95
CA CYS B 83 -16.11 2.50 3.92
C CYS B 83 -16.55 2.05 2.56
N TRP B 84 -16.21 2.81 1.52
CA TRP B 84 -16.64 2.44 0.18
C TRP B 84 -16.30 1.01 -0.22
N SER B 85 -15.06 0.59 -0.02
CA SER B 85 -14.64 -0.77 -0.35
C SER B 85 -15.36 -1.80 0.54
N GLU B 86 -15.61 -1.43 1.80
CA GLU B 86 -16.32 -2.29 2.74
C GLU B 86 -17.77 -2.49 2.32
N LEU B 87 -18.37 -1.42 1.81
CA LEU B 87 -19.75 -1.48 1.37
C LEU B 87 -19.84 -2.33 0.11
N LEU B 88 -18.85 -2.20 -0.77
CA LEU B 88 -18.84 -3.01 -1.98
C LEU B 88 -18.80 -4.48 -1.60
N ILE B 89 -17.81 -4.84 -0.80
CA ILE B 89 -17.64 -6.22 -0.37
C ILE B 89 -18.85 -6.79 0.35
N LEU B 90 -19.38 -6.04 1.31
CA LEU B 90 -20.54 -6.48 2.06
C LEU B 90 -21.68 -6.71 1.07
N ASP B 91 -21.74 -5.85 0.06
CA ASP B 91 -22.76 -5.94 -0.96
C ASP B 91 -22.62 -7.28 -1.69
N HIS B 92 -21.38 -7.64 -2.02
CA HIS B 92 -21.08 -8.87 -2.73
C HIS B 92 -21.49 -10.07 -1.89
N ILE B 93 -20.96 -10.15 -0.67
CA ILE B 93 -21.26 -11.24 0.23
C ILE B 93 -22.75 -11.49 0.35
N TYR B 94 -23.48 -10.52 0.89
CA TYR B 94 -24.91 -10.67 1.09
C TYR B 94 -25.66 -11.12 -0.16
N ARG B 95 -25.12 -10.84 -1.33
CA ARG B 95 -25.79 -11.26 -2.55
C ARG B 95 -25.58 -12.76 -2.66
N GLN B 96 -24.35 -13.20 -2.39
CA GLN B 96 -24.02 -14.61 -2.43
C GLN B 96 -24.78 -15.36 -1.34
N VAL B 97 -25.17 -14.66 -0.28
CA VAL B 97 -25.90 -15.29 0.80
C VAL B 97 -27.39 -15.31 0.52
N ALA B 98 -27.87 -14.28 -0.17
CA ALA B 98 -29.28 -14.18 -0.49
C ALA B 98 -29.70 -14.88 -1.78
N HIS B 99 -28.87 -14.84 -2.82
CA HIS B 99 -29.19 -15.48 -4.11
C HIS B 99 -28.11 -16.40 -4.67
N GLY B 100 -27.10 -16.69 -3.88
CA GLY B 100 -26.02 -17.53 -4.35
C GLY B 100 -26.20 -19.00 -4.04
N LYS B 101 -25.58 -19.84 -4.86
CA LYS B 101 -25.65 -21.29 -4.69
C LYS B 101 -24.25 -21.88 -4.68
N GLU B 102 -24.22 -23.20 -4.71
CA GLU B 102 -22.98 -23.99 -4.73
C GLU B 102 -21.71 -23.21 -5.04
N GLY B 103 -21.09 -23.54 -6.17
CA GLY B 103 -19.88 -22.86 -6.57
C GLY B 103 -20.16 -21.92 -7.71
N THR B 104 -21.08 -20.99 -7.51
CA THR B 104 -21.43 -20.02 -8.54
C THR B 104 -21.52 -18.64 -7.90
N ILE B 105 -20.97 -17.63 -8.58
CA ILE B 105 -21.00 -16.29 -8.06
C ILE B 105 -22.07 -15.48 -8.76
N PHE B 106 -23.06 -15.04 -7.99
CA PHE B 106 -24.14 -14.25 -8.54
C PHE B 106 -23.62 -12.81 -8.66
N LEU B 107 -23.67 -12.25 -9.85
CA LEU B 107 -23.20 -10.88 -10.06
C LEU B 107 -24.31 -9.84 -9.93
N VAL B 108 -23.92 -8.61 -9.62
CA VAL B 108 -24.86 -7.51 -9.42
C VAL B 108 -25.84 -7.32 -10.58
N THR B 109 -25.38 -7.66 -11.79
CA THR B 109 -26.20 -7.52 -12.99
C THR B 109 -27.30 -8.56 -13.00
N GLY B 110 -27.02 -9.73 -12.43
CA GLY B 110 -28.02 -10.77 -12.38
C GLY B 110 -27.54 -12.12 -12.86
N GLU B 111 -26.51 -12.12 -13.69
CA GLU B 111 -26.00 -13.37 -14.20
C GLU B 111 -25.16 -14.14 -13.21
N HIS B 112 -25.39 -15.45 -13.19
CA HIS B 112 -24.65 -16.36 -12.32
C HIS B 112 -23.36 -16.61 -13.07
N VAL B 113 -22.27 -16.85 -12.34
CA VAL B 113 -21.00 -17.07 -12.99
C VAL B 113 -20.18 -18.12 -12.27
N ASP B 114 -20.50 -19.39 -12.52
CA ASP B 114 -19.80 -20.50 -11.91
C ASP B 114 -18.43 -20.14 -11.36
N TYR B 115 -18.29 -20.28 -10.05
CA TYR B 115 -17.05 -20.01 -9.33
C TYR B 115 -15.87 -20.54 -10.13
N SER B 116 -16.05 -21.74 -10.67
CA SER B 116 -15.03 -22.41 -11.48
C SER B 116 -14.45 -21.50 -12.55
N THR B 117 -15.33 -20.88 -13.34
CA THR B 117 -14.91 -19.98 -14.40
C THR B 117 -14.07 -18.83 -13.84
N ILE B 118 -14.69 -18.01 -13.00
CA ILE B 118 -14.04 -16.85 -12.39
C ILE B 118 -12.65 -17.14 -11.82
N ILE B 119 -12.40 -18.40 -11.47
CA ILE B 119 -11.11 -18.78 -10.91
C ILE B 119 -10.05 -19.05 -11.97
N SER B 120 -10.48 -19.63 -13.09
CA SER B 120 -9.55 -19.94 -14.17
C SER B 120 -9.29 -18.77 -15.11
N HIS B 121 -9.96 -17.64 -14.85
CA HIS B 121 -9.78 -16.44 -15.68
C HIS B 121 -9.20 -15.29 -14.87
N THR B 122 -8.64 -15.62 -13.71
CA THR B 122 -8.06 -14.62 -12.84
C THR B 122 -6.86 -15.17 -12.09
N GLU B 123 -5.85 -14.31 -11.90
CA GLU B 123 -4.63 -14.70 -11.21
C GLU B 123 -4.89 -15.14 -9.78
N VAL B 124 -3.81 -15.44 -9.04
CA VAL B 124 -3.95 -15.92 -7.68
C VAL B 124 -4.17 -14.85 -6.61
N ALA B 125 -3.59 -13.67 -6.80
CA ALA B 125 -3.77 -12.59 -5.84
C ALA B 125 -5.26 -12.25 -5.75
N PHE B 126 -5.94 -12.40 -6.89
CA PHE B 126 -7.37 -12.14 -6.98
C PHE B 126 -8.16 -13.25 -6.29
N ASN B 127 -8.14 -14.43 -6.91
CA ASN B 127 -8.83 -15.61 -6.40
C ASN B 127 -8.80 -15.69 -4.88
N ASN B 128 -7.66 -15.35 -4.28
CA ASN B 128 -7.51 -15.39 -2.83
C ASN B 128 -8.45 -14.45 -2.06
N LEU B 129 -8.80 -13.34 -2.69
CA LEU B 129 -9.73 -12.39 -2.08
C LEU B 129 -11.10 -13.03 -2.22
N LEU B 130 -11.40 -13.46 -3.43
CA LEU B 130 -12.67 -14.09 -3.76
C LEU B 130 -12.90 -15.28 -2.83
N SER B 131 -11.81 -15.85 -2.32
CA SER B 131 -11.91 -16.97 -1.40
C SER B 131 -12.20 -16.47 0.01
N LEU B 132 -11.54 -15.40 0.41
CA LEU B 132 -11.77 -14.83 1.73
C LEU B 132 -13.24 -14.43 1.81
N ALA B 133 -13.75 -13.89 0.71
CA ALA B 133 -15.14 -13.46 0.64
C ALA B 133 -16.07 -14.65 0.81
N GLN B 134 -15.85 -15.67 -0.01
CA GLN B 134 -16.68 -16.88 0.05
C GLN B 134 -16.67 -17.57 1.39
N GLU B 135 -15.68 -17.28 2.23
CA GLU B 135 -15.65 -17.91 3.55
C GLU B 135 -16.72 -17.26 4.42
N LEU B 136 -16.82 -15.94 4.34
CA LEU B 136 -17.83 -15.21 5.10
C LEU B 136 -19.21 -15.59 4.59
N VAL B 137 -19.33 -15.82 3.28
CA VAL B 137 -20.60 -16.21 2.70
C VAL B 137 -21.04 -17.54 3.33
N VAL B 138 -20.05 -18.28 3.80
CA VAL B 138 -20.29 -19.57 4.44
C VAL B 138 -20.76 -19.37 5.89
N ARG B 139 -20.07 -18.49 6.61
CA ARG B 139 -20.40 -18.20 8.02
C ARG B 139 -21.72 -17.50 8.23
N LEU B 140 -22.01 -16.50 7.40
CA LEU B 140 -23.26 -15.75 7.49
C LEU B 140 -24.40 -16.67 7.15
N ARG B 141 -24.19 -17.51 6.14
CA ARG B 141 -25.22 -18.45 5.70
C ARG B 141 -25.62 -19.40 6.82
N SER B 142 -24.66 -19.79 7.66
CA SER B 142 -24.96 -20.67 8.77
C SER B 142 -25.77 -19.90 9.81
N LEU B 143 -25.32 -18.69 10.11
CA LEU B 143 -25.95 -17.82 11.09
C LEU B 143 -27.33 -17.32 10.65
N GLN B 144 -27.77 -17.72 9.46
CA GLN B 144 -29.06 -17.29 8.97
C GLN B 144 -29.11 -15.77 8.75
N PHE B 145 -28.00 -15.20 8.30
CA PHE B 145 -27.89 -13.78 8.01
C PHE B 145 -29.06 -13.38 7.09
N ASP B 146 -29.91 -12.44 7.52
CA ASP B 146 -31.04 -12.04 6.67
C ASP B 146 -31.02 -10.59 6.19
N GLN B 147 -32.08 -10.16 5.50
CA GLN B 147 -32.09 -8.80 4.99
C GLN B 147 -32.00 -7.73 6.08
N ARG B 148 -32.81 -7.88 7.10
CA ARG B 148 -32.81 -6.96 8.21
C ARG B 148 -31.42 -6.79 8.81
N GLU B 149 -30.74 -7.91 9.08
CA GLU B 149 -29.41 -7.83 9.66
C GLU B 149 -28.45 -7.25 8.65
N PHE B 150 -28.79 -7.41 7.38
CA PHE B 150 -27.97 -6.87 6.31
C PHE B 150 -27.99 -5.32 6.30
N VAL B 151 -29.17 -4.70 6.42
CA VAL B 151 -29.22 -3.24 6.40
C VAL B 151 -28.56 -2.68 7.65
N CYS B 152 -28.72 -3.38 8.76
CA CYS B 152 -28.09 -2.90 9.97
C CYS B 152 -26.58 -2.86 9.81
N LEU B 153 -26.01 -3.88 9.16
CA LEU B 153 -24.56 -3.90 9.02
C LEU B 153 -24.10 -2.85 8.05
N LYS B 154 -24.96 -2.50 7.10
CA LYS B 154 -24.64 -1.46 6.12
C LYS B 154 -24.53 -0.12 6.82
N PHE B 155 -25.45 0.14 7.75
CA PHE B 155 -25.39 1.38 8.45
C PHE B 155 -24.24 1.41 9.46
N LEU B 156 -23.93 0.26 10.06
CA LEU B 156 -22.82 0.17 11.01
C LEU B 156 -21.50 0.43 10.31
N VAL B 157 -21.34 -0.19 9.15
CA VAL B 157 -20.13 -0.03 8.33
C VAL B 157 -20.03 1.46 8.00
N LEU B 158 -21.11 2.00 7.45
CA LEU B 158 -21.16 3.40 7.05
C LEU B 158 -21.02 4.42 8.16
N PHE B 159 -21.76 4.24 9.26
CA PHE B 159 -21.70 5.19 10.37
C PHE B 159 -20.66 4.77 11.38
N SER B 160 -19.39 4.88 11.00
CA SER B 160 -18.31 4.52 11.89
C SER B 160 -17.79 5.73 12.68
N SER B 161 -17.85 5.62 14.00
CA SER B 161 -17.40 6.66 14.89
C SER B 161 -15.86 6.70 15.00
N ASP B 162 -15.18 5.90 14.20
CA ASP B 162 -13.73 5.89 14.24
C ASP B 162 -13.11 6.65 13.09
N VAL B 163 -13.85 7.65 12.62
CA VAL B 163 -13.41 8.52 11.52
C VAL B 163 -13.12 9.91 12.09
N LYS B 164 -11.95 10.44 11.74
CA LYS B 164 -11.51 11.75 12.24
C LYS B 164 -12.07 12.94 11.49
N ASN B 165 -12.02 14.10 12.15
CA ASN B 165 -12.48 15.35 11.58
C ASN B 165 -13.97 15.44 11.25
N LEU B 166 -14.79 14.59 11.87
CA LEU B 166 -16.23 14.65 11.60
C LEU B 166 -16.82 15.88 12.27
N GLU B 167 -17.63 16.63 11.53
CA GLU B 167 -18.26 17.83 12.04
C GLU B 167 -19.42 17.50 12.98
N ASN B 168 -20.16 16.44 12.69
CA ASN B 168 -21.29 16.03 13.55
C ASN B 168 -21.06 14.63 14.11
N LEU B 169 -20.07 14.50 14.97
CA LEU B 169 -19.72 13.22 15.57
C LEU B 169 -20.87 12.65 16.40
N GLN B 170 -21.59 13.52 17.08
CA GLN B 170 -22.71 13.11 17.90
C GLN B 170 -23.76 12.32 17.13
N LEU B 171 -24.16 12.84 15.97
CA LEU B 171 -25.15 12.16 15.16
C LEU B 171 -24.61 10.78 14.79
N VAL B 172 -23.40 10.77 14.23
CA VAL B 172 -22.76 9.53 13.83
C VAL B 172 -22.67 8.47 14.94
N GLU B 173 -22.36 8.87 16.17
CA GLU B 173 -22.28 7.92 17.27
C GLU B 173 -23.67 7.46 17.69
N GLY B 174 -24.64 8.36 17.58
CA GLY B 174 -26.00 8.02 17.97
C GLY B 174 -26.60 6.99 17.01
N VAL B 175 -26.45 7.22 15.71
CA VAL B 175 -26.97 6.28 14.72
C VAL B 175 -26.39 4.89 14.96
N GLN B 176 -25.07 4.86 15.15
CA GLN B 176 -24.36 3.62 15.40
C GLN B 176 -24.86 2.89 16.65
N GLU B 177 -25.05 3.62 17.73
CA GLU B 177 -25.54 3.04 18.97
C GLU B 177 -26.99 2.63 18.77
N GLN B 178 -27.74 3.51 18.13
CA GLN B 178 -29.14 3.28 17.87
C GLN B 178 -29.31 1.96 17.06
N VAL B 179 -28.49 1.77 16.03
CA VAL B 179 -28.59 0.55 15.23
C VAL B 179 -28.14 -0.71 16.00
N ASN B 180 -26.99 -0.66 16.68
CA ASN B 180 -26.52 -1.81 17.47
C ASN B 180 -27.65 -2.32 18.34
N ALA B 181 -28.25 -1.42 19.09
CA ALA B 181 -29.35 -1.79 19.97
C ALA B 181 -30.53 -2.40 19.24
N ALA B 182 -30.79 -1.97 18.01
CA ALA B 182 -31.90 -2.48 17.22
C ALA B 182 -31.59 -3.90 16.75
N LEU B 183 -30.39 -4.09 16.24
CA LEU B 183 -29.98 -5.40 15.75
C LEU B 183 -30.06 -6.44 16.86
N LEU B 184 -29.64 -6.06 18.05
CA LEU B 184 -29.65 -6.97 19.18
C LEU B 184 -31.08 -7.33 19.52
N ASP B 185 -31.92 -6.32 19.62
CA ASP B 185 -33.31 -6.55 19.93
C ASP B 185 -33.86 -7.53 18.88
N TYR B 186 -33.67 -7.16 17.60
CA TYR B 186 -34.13 -7.94 16.47
C TYR B 186 -33.64 -9.38 16.47
N THR B 187 -32.34 -9.55 16.60
CA THR B 187 -31.80 -10.89 16.58
C THR B 187 -32.28 -11.82 17.69
N VAL B 188 -32.29 -11.38 18.95
CA VAL B 188 -32.74 -12.31 19.99
C VAL B 188 -34.24 -12.59 19.94
N CYS B 189 -35.02 -11.68 19.38
CA CYS B 189 -36.47 -11.89 19.27
C CYS B 189 -36.86 -12.78 18.09
N ASN B 190 -36.13 -12.64 16.99
CA ASN B 190 -36.42 -13.42 15.79
C ASN B 190 -35.62 -14.70 15.66
N TYR B 191 -34.50 -14.79 16.36
CA TYR B 191 -33.67 -15.99 16.32
C TYR B 191 -33.21 -16.29 17.73
N PRO B 192 -34.17 -16.43 18.66
CA PRO B 192 -33.85 -16.71 20.06
C PRO B 192 -33.04 -17.98 20.32
N GLN B 193 -33.13 -18.95 19.40
CA GLN B 193 -32.41 -20.22 19.57
C GLN B 193 -31.01 -20.17 18.97
N GLN B 194 -30.60 -18.99 18.51
CA GLN B 194 -29.27 -18.76 17.95
C GLN B 194 -28.55 -17.99 19.07
N THR B 195 -28.11 -18.74 20.08
CA THR B 195 -27.44 -18.16 21.25
C THR B 195 -26.67 -16.86 21.10
N GLU B 196 -25.99 -16.64 19.97
CA GLU B 196 -25.25 -15.38 19.84
C GLU B 196 -25.05 -14.83 18.43
N LYS B 197 -26.10 -14.91 17.62
CA LYS B 197 -26.05 -14.37 16.27
C LYS B 197 -25.45 -12.96 16.32
N PHE B 198 -26.04 -12.09 17.14
CA PHE B 198 -25.57 -10.71 17.27
C PHE B 198 -24.06 -10.65 17.39
N GLY B 199 -23.51 -11.31 18.41
CA GLY B 199 -22.07 -11.32 18.63
C GLY B 199 -21.32 -11.72 17.37
N GLN B 200 -21.77 -12.81 16.76
CA GLN B 200 -21.18 -13.34 15.55
C GLN B 200 -21.26 -12.32 14.40
N LEU B 201 -22.43 -11.71 14.23
CA LEU B 201 -22.58 -10.72 13.15
C LEU B 201 -21.54 -9.61 13.26
N LEU B 202 -21.38 -9.08 14.46
CA LEU B 202 -20.41 -8.01 14.65
C LEU B 202 -18.97 -8.42 14.36
N LEU B 203 -18.62 -9.67 14.68
CA LEU B 203 -17.26 -10.14 14.44
C LEU B 203 -16.93 -10.13 12.96
N ARG B 204 -17.97 -10.22 12.15
CA ARG B 204 -17.82 -10.25 10.71
C ARG B 204 -17.32 -8.92 10.14
N LEU B 205 -17.63 -7.81 10.79
CA LEU B 205 -17.23 -6.51 10.27
C LEU B 205 -15.72 -6.37 10.08
N PRO B 206 -14.92 -6.67 11.12
CA PRO B 206 -13.45 -6.56 11.05
C PRO B 206 -12.92 -7.42 9.90
N GLU B 207 -13.60 -8.55 9.67
CA GLU B 207 -13.19 -9.46 8.60
C GLU B 207 -13.51 -8.82 7.26
N ILE B 208 -14.66 -8.16 7.16
CA ILE B 208 -15.05 -7.49 5.93
C ILE B 208 -14.04 -6.36 5.68
N ARG B 209 -13.70 -5.64 6.76
CA ARG B 209 -12.75 -4.55 6.69
C ARG B 209 -11.37 -5.02 6.23
N ALA B 210 -10.92 -6.17 6.75
CA ALA B 210 -9.61 -6.69 6.37
C ALA B 210 -9.58 -7.08 4.90
N ILE B 211 -10.67 -7.66 4.42
CA ILE B 211 -10.77 -8.07 3.02
C ILE B 211 -10.78 -6.87 2.06
N SER B 212 -11.40 -5.78 2.49
CA SER B 212 -11.49 -4.59 1.65
C SER B 212 -10.12 -3.92 1.47
N LYS B 213 -9.32 -3.89 2.53
CA LYS B 213 -7.99 -3.31 2.44
C LYS B 213 -7.20 -4.08 1.39
N GLN B 214 -7.27 -5.40 1.45
CA GLN B 214 -6.56 -6.23 0.48
C GLN B 214 -7.09 -5.97 -0.92
N ALA B 215 -8.41 -5.88 -1.03
CA ALA B 215 -9.04 -5.63 -2.32
C ALA B 215 -8.60 -4.29 -2.87
N GLU B 216 -8.29 -3.35 -1.99
CA GLU B 216 -7.86 -2.03 -2.44
C GLU B 216 -6.40 -2.06 -2.91
N ASP B 217 -5.57 -2.84 -2.21
CA ASP B 217 -4.17 -2.96 -2.57
C ASP B 217 -4.11 -3.65 -3.93
N TYR B 218 -4.83 -4.76 -4.07
CA TYR B 218 -4.87 -5.48 -5.34
C TYR B 218 -5.28 -4.53 -6.45
N LEU B 219 -6.45 -3.92 -6.27
CA LEU B 219 -6.98 -3.00 -7.24
C LEU B 219 -6.03 -1.87 -7.59
N TYR B 220 -5.38 -1.30 -6.57
CA TYR B 220 -4.44 -0.21 -6.79
C TYR B 220 -3.23 -0.60 -7.65
N TYR B 221 -2.64 -1.74 -7.33
CA TYR B 221 -1.50 -2.23 -8.07
C TYR B 221 -1.90 -2.56 -9.50
N LYS B 222 -3.11 -3.08 -9.71
CA LYS B 222 -3.60 -3.40 -11.04
C LYS B 222 -3.86 -2.13 -11.86
N HIS B 223 -4.18 -1.05 -11.18
CA HIS B 223 -4.42 0.23 -11.86
C HIS B 223 -3.08 0.82 -12.30
N VAL B 224 -2.06 0.64 -11.47
CA VAL B 224 -0.71 1.15 -11.75
C VAL B 224 -0.19 0.58 -13.07
N ASN B 225 -0.70 -0.59 -13.45
CA ASN B 225 -0.29 -1.21 -14.71
C ASN B 225 -1.44 -1.29 -15.70
N GLY B 226 -2.00 -0.14 -16.04
CA GLY B 226 -3.11 -0.06 -16.99
C GLY B 226 -3.93 -1.31 -17.23
N ASP B 227 -4.22 -2.05 -16.16
CA ASP B 227 -5.02 -3.28 -16.29
C ASP B 227 -6.41 -3.02 -15.75
N VAL B 228 -6.73 -1.73 -15.62
CA VAL B 228 -8.02 -1.27 -15.14
C VAL B 228 -8.37 -0.13 -16.09
N PRO B 229 -9.36 -0.35 -16.98
CA PRO B 229 -9.77 0.67 -17.95
C PRO B 229 -9.70 2.08 -17.38
N TYR B 230 -10.81 2.51 -16.83
CA TYR B 230 -10.93 3.81 -16.20
C TYR B 230 -12.32 3.93 -15.63
N ASN B 231 -12.39 4.36 -14.38
CA ASN B 231 -13.64 4.51 -13.67
C ASN B 231 -13.40 5.64 -12.69
N ASN B 232 -13.44 6.86 -13.19
CA ASN B 232 -13.22 8.04 -12.38
C ASN B 232 -13.57 7.84 -10.91
N LEU B 233 -14.78 7.31 -10.65
CA LEU B 233 -15.19 7.10 -9.28
C LEU B 233 -14.29 6.11 -8.57
N LEU B 234 -14.19 4.90 -9.11
CA LEU B 234 -13.35 3.87 -8.51
C LEU B 234 -11.95 4.40 -8.27
N ILE B 235 -11.32 4.90 -9.34
CA ILE B 235 -9.97 5.45 -9.28
C ILE B 235 -9.84 6.53 -8.20
N GLU B 236 -10.83 7.42 -8.18
CA GLU B 236 -10.87 8.52 -7.23
C GLU B 236 -10.97 8.01 -5.81
N MET B 237 -11.92 7.11 -5.55
CA MET B 237 -12.05 6.57 -4.20
C MET B 237 -10.73 5.89 -3.84
N LEU B 238 -10.17 5.17 -4.80
CA LEU B 238 -8.91 4.45 -4.59
C LEU B 238 -7.77 5.35 -4.12
N HIS B 239 -7.59 6.50 -4.76
CA HIS B 239 -6.51 7.42 -4.40
C HIS B 239 -6.86 8.40 -3.29
N ALA B 240 -8.00 8.22 -2.64
CA ALA B 240 -8.41 9.11 -1.57
C ALA B 240 -7.47 9.00 -0.36
N LYS B 241 -6.35 8.31 -0.55
CA LYS B 241 -5.38 8.13 0.53
C LYS B 241 -4.10 7.41 0.07
N ARG B 242 -3.55 7.84 -1.06
CA ARG B 242 -2.32 7.26 -1.60
C ARG B 242 -2.06 7.69 -3.04
N ALA B 243 -0.80 7.62 -3.46
CA ALA B 243 -0.33 8.00 -4.80
C ALA B 243 -1.35 8.62 -5.73
N SER C 1 8.16 -4.48 19.84
CA SER C 1 9.08 -4.64 18.67
C SER C 1 10.39 -5.31 19.10
N HIS C 2 11.29 -4.53 19.69
CA HIS C 2 12.58 -5.03 20.15
C HIS C 2 13.27 -5.77 19.00
N PRO C 3 13.61 -5.03 17.92
CA PRO C 3 14.27 -5.47 16.68
C PRO C 3 15.31 -6.56 16.90
N THR C 4 14.91 -7.81 16.65
CA THR C 4 15.80 -8.95 16.85
C THR C 4 17.10 -8.97 16.02
N ILE C 5 17.00 -9.32 14.73
CA ILE C 5 18.19 -9.37 13.88
C ILE C 5 19.04 -8.10 13.88
N LEU C 6 18.39 -6.95 13.87
CA LEU C 6 19.08 -5.65 13.89
C LEU C 6 19.84 -5.51 15.21
N TYR C 7 19.26 -6.05 16.27
CA TYR C 7 19.91 -5.98 17.58
C TYR C 7 21.17 -6.83 17.59
N THR C 8 21.06 -8.05 17.05
CA THR C 8 22.19 -8.99 16.97
C THR C 8 23.32 -8.37 16.16
N LEU C 9 22.93 -7.54 15.20
CA LEU C 9 23.86 -6.87 14.32
C LEU C 9 24.45 -5.62 14.98
N LEU C 10 23.66 -4.91 15.78
CA LEU C 10 24.11 -3.68 16.42
C LEU C 10 24.87 -3.83 17.73
N SER C 11 24.65 -4.95 18.42
CA SER C 11 25.35 -5.18 19.68
C SER C 11 26.67 -5.90 19.45
N SER D 1 -7.67 17.45 -1.41
CA SER D 1 -8.57 16.39 -1.94
C SER D 1 -9.84 17.01 -2.54
N HIS D 2 -10.76 17.43 -1.68
CA HIS D 2 -12.03 18.03 -2.10
C HIS D 2 -12.67 17.16 -3.19
N PRO D 3 -12.94 15.88 -2.88
CA PRO D 3 -13.54 14.87 -3.76
C PRO D 3 -14.49 15.46 -4.79
N THR D 4 -14.03 15.63 -6.02
CA THR D 4 -14.88 16.25 -7.04
C THR D 4 -16.02 15.41 -7.61
N ILE D 5 -15.77 14.19 -8.04
CA ILE D 5 -16.85 13.36 -8.59
C ILE D 5 -17.78 12.93 -7.46
N LEU D 6 -17.18 12.64 -6.30
CA LEU D 6 -17.93 12.22 -5.12
C LEU D 6 -18.77 13.40 -4.62
N TYR D 7 -18.24 14.59 -4.81
CA TYR D 7 -18.90 15.82 -4.39
C TYR D 7 -20.14 16.07 -5.22
N THR D 8 -19.97 16.03 -6.54
CA THR D 8 -21.06 16.24 -7.49
C THR D 8 -22.18 15.23 -7.28
N LEU D 9 -21.80 14.07 -6.72
CA LEU D 9 -22.73 13.00 -6.47
C LEU D 9 -23.56 13.26 -5.21
N LEU D 10 -22.90 13.78 -4.18
CA LEU D 10 -23.55 14.06 -2.91
C LEU D 10 -24.28 15.39 -2.88
N SER D 11 -23.77 16.35 -3.65
CA SER D 11 -24.39 17.67 -3.71
C SER D 11 -25.53 17.66 -4.73
#